data_5E91
#
_entry.id   5E91
#
_cell.length_a   64.860
_cell.length_b   75.770
_cell.length_c   75.070
_cell.angle_alpha   90.000
_cell.angle_beta   90.000
_cell.angle_gamma   90.000
#
_symmetry.space_group_name_H-M   'P 21 21 21'
#
loop_
_entity.id
_entity.type
_entity.pdbx_description
1 polymer 'TGF-beta receptor type-2'
2 non-polymer 3-amino-6-[4-(2-hydroxyethyl)phenyl]-N-[4-(morpholin-4-yl)pyridin-3-yl]pyrazine-2-carboxamide
3 water water
#
_entity_poly.entity_id   1
_entity_poly.type   'polypeptide(L)'
_entity_poly.pdbx_seq_one_letter_code
;GHMHNTELLPIELDTLVGKGRFAEVYKAKLKQNTSEQFETVAVKIFPYEEYASWKTEKDIFSDINLKHENILQFLTAEER
KTELGKQYWLITAFHAKGNLQEYLTRHVISWEDLRKLGSSLARGIAHLHSDHTPCGRPKMPIVHRDLKSSNILVKNDLTC
CLCDFGLSLRLDPTLSVDDLANSGQVGTARYMAPEVLASAMNLENVESFKQTDVYSMALVLWEMTSRCNAVGEVKDYEPP
FGSKVREHPCVASMADNVLADAGRPEIPSFWLNHQGIQMVCETLTECWDHDPEARLTAQCVAERFSELEHLDRLSG
;
_entity_poly.pdbx_strand_id   A
#
loop_
_chem_comp.id
_chem_comp.type
_chem_comp.name
_chem_comp.formula
5L4 non-polymer 3-amino-6-[4-(2-hydroxyethyl)phenyl]-N-[4-(morpholin-4-yl)pyridin-3-yl]pyrazine-2-carboxamide 'C22 H24 N6 O3'
#
# COMPACT_ATOMS: atom_id res chain seq x y z
N GLU A 7 -4.31 -30.07 14.04
CA GLU A 7 -4.12 -29.33 12.79
C GLU A 7 -4.18 -27.80 12.99
N LEU A 8 -5.11 -27.31 13.84
CA LEU A 8 -5.27 -25.89 14.13
C LEU A 8 -4.25 -25.41 15.17
N LEU A 9 -3.77 -24.17 15.01
CA LEU A 9 -2.80 -23.59 15.93
C LEU A 9 -3.42 -23.17 17.28
N PRO A 10 -2.68 -23.27 18.40
CA PRO A 10 -3.24 -22.86 19.69
C PRO A 10 -3.28 -21.33 19.84
N ILE A 11 -4.34 -20.72 19.31
CA ILE A 11 -4.53 -19.27 19.29
C ILE A 11 -5.64 -18.81 20.23
N GLU A 12 -5.41 -17.69 20.94
CA GLU A 12 -6.41 -17.04 21.75
C GLU A 12 -6.52 -15.59 21.25
N LEU A 13 -7.70 -15.21 20.72
CA LEU A 13 -7.93 -13.83 20.24
C LEU A 13 -8.01 -12.89 21.43
N ASP A 14 -7.32 -11.74 21.36
CA ASP A 14 -7.30 -10.75 22.43
C ASP A 14 -8.16 -9.56 22.12
N THR A 15 -7.80 -8.81 21.08
CA THR A 15 -8.44 -7.53 20.79
C THR A 15 -8.62 -7.31 19.30
N LEU A 16 -9.76 -6.70 18.93
CA LEU A 16 -10.04 -6.25 17.58
C LEU A 16 -9.19 -5.01 17.42
N VAL A 17 -8.21 -5.05 16.49
CA VAL A 17 -7.29 -3.93 16.24
C VAL A 17 -7.59 -3.22 14.89
N GLY A 18 -8.24 -3.92 13.97
CA GLY A 18 -8.52 -3.39 12.65
C GLY A 18 -9.66 -4.01 11.92
N LYS A 19 -10.07 -3.32 10.85
CA LYS A 19 -11.17 -3.69 10.00
C LYS A 19 -10.84 -3.20 8.58
N GLY A 20 -10.62 -4.16 7.69
CA GLY A 20 -10.39 -3.94 6.26
C GLY A 20 -11.69 -4.02 5.50
N ARG A 21 -11.67 -4.01 4.15
CA ARG A 21 -12.93 -4.10 3.39
C ARG A 21 -13.62 -5.46 3.52
N PHE A 22 -12.83 -6.55 3.69
CA PHE A 22 -13.36 -7.92 3.72
C PHE A 22 -13.21 -8.68 5.04
N ALA A 23 -12.42 -8.14 5.99
CA ALA A 23 -12.12 -8.89 7.20
C ALA A 23 -11.85 -8.03 8.41
N GLU A 24 -11.77 -8.67 9.58
CA GLU A 24 -11.42 -8.09 10.88
C GLU A 24 -10.04 -8.58 11.26
N VAL A 25 -9.24 -7.73 11.89
CA VAL A 25 -7.90 -8.05 12.33
C VAL A 25 -7.86 -8.00 13.84
N TYR A 26 -7.30 -9.05 14.45
CA TYR A 26 -7.18 -9.20 15.88
C TYR A 26 -5.75 -9.37 16.30
N LYS A 27 -5.41 -8.77 17.44
CA LYS A 27 -4.15 -9.07 18.09
C LYS A 27 -4.48 -10.38 18.80
N ALA A 28 -3.59 -11.38 18.71
CA ALA A 28 -3.84 -12.68 19.30
C ALA A 28 -2.62 -13.28 19.96
N LYS A 29 -2.86 -14.26 20.85
CA LYS A 29 -1.82 -15.03 21.55
C LYS A 29 -1.68 -16.37 20.89
N LEU A 30 -0.46 -16.71 20.48
CA LEU A 30 -0.10 -18.02 19.94
C LEU A 30 0.66 -18.76 21.07
N LYS A 31 0.05 -19.82 21.63
CA LYS A 31 0.60 -20.61 22.73
C LYS A 31 1.85 -21.42 22.34
N GLU A 39 4.63 -15.50 20.04
CA GLU A 39 3.62 -15.37 21.07
C GLU A 39 2.52 -14.38 20.62
N THR A 40 2.87 -13.13 20.25
CA THR A 40 1.86 -12.19 19.72
C THR A 40 1.84 -12.29 18.19
N VAL A 41 0.64 -12.56 17.63
CA VAL A 41 0.40 -12.69 16.19
C VAL A 41 -0.84 -11.85 15.79
N ALA A 42 -1.01 -11.59 14.49
CA ALA A 42 -2.18 -10.92 13.99
C ALA A 42 -3.00 -12.00 13.32
N VAL A 43 -4.31 -11.98 13.54
CA VAL A 43 -5.23 -12.92 12.93
C VAL A 43 -6.24 -12.11 12.14
N LYS A 44 -6.28 -12.33 10.82
CA LYS A 44 -7.19 -11.65 9.94
C LYS A 44 -8.30 -12.67 9.64
N ILE A 45 -9.55 -12.35 10.06
CA ILE A 45 -10.70 -13.23 9.99
C ILE A 45 -11.68 -12.79 8.94
N PHE A 46 -11.94 -13.68 7.99
CA PHE A 46 -12.86 -13.49 6.89
C PHE A 46 -14.09 -14.36 7.11
N PRO A 47 -15.29 -13.81 6.95
CA PRO A 47 -16.49 -14.65 7.00
C PRO A 47 -16.55 -15.50 5.73
N TYR A 48 -17.37 -16.55 5.73
CA TYR A 48 -17.53 -17.40 4.54
C TYR A 48 -17.80 -16.58 3.24
N GLU A 49 -18.64 -15.54 3.34
CA GLU A 49 -19.03 -14.66 2.22
C GLU A 49 -17.83 -14.04 1.48
N GLU A 50 -16.71 -13.82 2.22
CA GLU A 50 -15.50 -13.21 1.72
C GLU A 50 -14.38 -14.24 1.45
N TYR A 51 -14.77 -15.48 1.19
CA TYR A 51 -13.84 -16.57 0.88
C TYR A 51 -12.84 -16.19 -0.24
N ALA A 52 -13.34 -15.53 -1.34
CA ALA A 52 -12.50 -15.19 -2.48
C ALA A 52 -11.36 -14.25 -2.09
N SER A 53 -11.62 -13.28 -1.21
CA SER A 53 -10.60 -12.35 -0.71
C SER A 53 -9.55 -13.10 0.13
N TRP A 54 -10.01 -14.00 0.99
CA TRP A 54 -9.11 -14.83 1.80
C TRP A 54 -8.18 -15.65 0.88
N LYS A 55 -8.77 -16.34 -0.14
CA LYS A 55 -8.02 -17.13 -1.10
C LYS A 55 -6.99 -16.30 -1.87
N THR A 56 -7.40 -15.12 -2.35
CA THR A 56 -6.50 -14.19 -3.04
C THR A 56 -5.27 -13.84 -2.16
N GLU A 57 -5.48 -13.45 -0.88
CA GLU A 57 -4.37 -13.09 0.00
C GLU A 57 -3.49 -14.30 0.29
N LYS A 58 -4.15 -15.44 0.57
CA LYS A 58 -3.51 -16.71 0.89
C LYS A 58 -2.51 -17.10 -0.22
N ASP A 59 -2.95 -17.02 -1.49
CA ASP A 59 -2.16 -17.34 -2.66
C ASP A 59 -0.91 -16.45 -2.79
N ILE A 60 -1.00 -15.17 -2.43
CA ILE A 60 0.15 -14.24 -2.45
C ILE A 60 1.09 -14.53 -1.29
N PHE A 61 0.55 -14.62 -0.07
CA PHE A 61 1.35 -14.87 1.14
C PHE A 61 2.03 -16.22 1.15
N SER A 62 1.47 -17.21 0.42
CA SER A 62 1.99 -18.59 0.32
C SER A 62 3.11 -18.74 -0.71
N ASP A 63 3.28 -17.75 -1.60
CA ASP A 63 4.38 -17.72 -2.57
C ASP A 63 5.72 -17.42 -1.83
N ILE A 64 6.63 -18.42 -1.79
CA ILE A 64 7.93 -18.31 -1.11
C ILE A 64 8.79 -17.18 -1.70
N ASN A 65 8.59 -16.85 -2.99
CA ASN A 65 9.31 -15.80 -3.69
C ASN A 65 8.86 -14.40 -3.30
N LEU A 66 7.74 -14.28 -2.55
CA LEU A 66 7.24 -13.00 -2.08
C LEU A 66 7.98 -12.47 -0.82
N LYS A 67 8.49 -13.40 0.05
CA LYS A 67 9.24 -13.14 1.31
C LYS A 67 10.23 -11.98 1.17
N HIS A 68 10.00 -10.89 1.93
CA HIS A 68 10.83 -9.68 1.89
C HIS A 68 10.63 -8.95 3.20
N GLU A 69 11.65 -8.21 3.65
CA GLU A 69 11.54 -7.47 4.91
C GLU A 69 10.42 -6.39 4.87
N ASN A 70 10.02 -5.91 3.67
CA ASN A 70 9.00 -4.88 3.57
C ASN A 70 7.62 -5.44 3.15
N ILE A 71 7.44 -6.78 3.32
CA ILE A 71 6.18 -7.47 3.07
C ILE A 71 5.84 -8.21 4.32
N LEU A 72 4.59 -8.07 4.79
CA LEU A 72 4.14 -8.73 6.02
C LEU A 72 4.42 -10.24 6.03
N GLN A 73 5.09 -10.69 7.11
CA GLN A 73 5.47 -12.10 7.32
C GLN A 73 4.24 -12.96 7.54
N PHE A 74 4.07 -14.02 6.74
CA PHE A 74 2.93 -14.94 6.80
C PHE A 74 3.28 -16.19 7.61
N LEU A 75 2.36 -16.63 8.48
CA LEU A 75 2.57 -17.85 9.25
C LEU A 75 1.80 -18.98 8.59
N THR A 76 0.46 -18.87 8.56
CA THR A 76 -0.43 -19.87 7.96
C THR A 76 -1.84 -19.36 7.75
N ALA A 77 -2.61 -20.09 6.96
CA ALA A 77 -4.03 -19.88 6.71
C ALA A 77 -4.77 -21.05 7.32
N GLU A 78 -5.98 -20.82 7.83
CA GLU A 78 -6.79 -21.86 8.46
C GLU A 78 -8.26 -21.67 8.17
N GLU A 79 -9.01 -22.75 8.19
CA GLU A 79 -10.48 -22.76 8.06
C GLU A 79 -10.97 -23.17 9.44
N ARG A 80 -11.79 -22.32 10.07
CA ARG A 80 -12.25 -22.58 11.43
C ARG A 80 -13.75 -22.64 11.52
N LYS A 81 -14.25 -23.82 11.89
CA LYS A 81 -15.67 -24.05 12.07
C LYS A 81 -16.08 -23.34 13.35
N THR A 82 -17.21 -22.63 13.29
CA THR A 82 -17.81 -21.91 14.42
C THR A 82 -19.22 -22.48 14.60
N GLU A 83 -19.94 -22.10 15.67
CA GLU A 83 -21.32 -22.58 15.89
C GLU A 83 -22.24 -22.01 14.79
N LEU A 84 -22.08 -20.71 14.48
CA LEU A 84 -22.83 -19.99 13.45
C LEU A 84 -22.42 -20.34 11.99
N GLY A 85 -21.31 -21.06 11.79
CA GLY A 85 -20.82 -21.40 10.46
C GLY A 85 -19.34 -21.70 10.35
N LYS A 86 -18.62 -20.92 9.53
CA LYS A 86 -17.18 -21.09 9.30
C LYS A 86 -16.48 -19.77 8.97
N GLN A 87 -15.29 -19.61 9.55
CA GLN A 87 -14.43 -18.46 9.34
C GLN A 87 -13.15 -18.90 8.64
N TYR A 88 -12.55 -17.97 7.88
CA TYR A 88 -11.31 -18.22 7.15
C TYR A 88 -10.28 -17.27 7.71
N TRP A 89 -9.19 -17.82 8.25
CA TRP A 89 -8.16 -17.04 8.93
C TRP A 89 -6.84 -16.96 8.18
N LEU A 90 -6.13 -15.83 8.35
CA LEU A 90 -4.77 -15.59 7.87
C LEU A 90 -3.99 -15.12 9.09
N ILE A 91 -2.99 -15.90 9.49
CA ILE A 91 -2.18 -15.63 10.67
C ILE A 91 -0.83 -15.11 10.21
N THR A 92 -0.45 -13.93 10.70
CA THR A 92 0.78 -13.24 10.30
C THR A 92 1.51 -12.66 11.51
N ALA A 93 2.70 -12.07 11.27
CA ALA A 93 3.42 -11.31 12.29
C ALA A 93 2.52 -10.10 12.72
N PHE A 94 2.68 -9.65 13.96
CA PHE A 94 1.94 -8.51 14.48
C PHE A 94 2.88 -7.32 14.62
N HIS A 95 2.50 -6.15 14.06
CA HIS A 95 3.26 -4.89 14.16
C HIS A 95 2.47 -3.93 15.00
N ALA A 96 2.90 -3.84 16.28
CA ALA A 96 2.26 -3.05 17.33
C ALA A 96 2.04 -1.59 16.98
N LYS A 97 2.94 -0.98 16.19
CA LYS A 97 2.85 0.46 15.85
C LYS A 97 1.67 0.79 14.92
N GLY A 98 1.05 -0.25 14.38
CA GLY A 98 -0.13 -0.11 13.53
C GLY A 98 0.12 0.54 12.19
N ASN A 99 -0.89 1.19 11.63
CA ASN A 99 -0.77 1.72 10.29
C ASN A 99 -0.13 3.11 10.21
N LEU A 100 0.43 3.41 9.02
CA LEU A 100 1.10 4.66 8.72
C LEU A 100 0.21 5.92 8.84
N GLN A 101 -1.08 5.80 8.51
CA GLN A 101 -1.97 6.97 8.63
C GLN A 101 -2.09 7.36 10.11
N GLU A 102 -2.27 6.38 10.99
CA GLU A 102 -2.38 6.60 12.43
C GLU A 102 -1.09 7.13 12.99
N TYR A 103 0.03 6.57 12.52
CA TYR A 103 1.37 6.98 12.90
C TYR A 103 1.64 8.46 12.56
N LEU A 104 1.37 8.86 11.31
CA LEU A 104 1.55 10.23 10.86
C LEU A 104 0.56 11.22 11.50
N THR A 105 -0.64 10.76 11.90
CA THR A 105 -1.61 11.60 12.56
C THR A 105 -1.06 12.01 13.94
N ARG A 106 -0.44 11.04 14.67
CA ARG A 106 0.09 11.25 16.01
C ARG A 106 1.48 11.85 16.07
N HIS A 107 2.34 11.58 15.07
CA HIS A 107 3.73 12.00 15.11
C HIS A 107 4.20 12.94 14.02
N VAL A 108 5.17 13.78 14.37
CA VAL A 108 5.93 14.62 13.45
C VAL A 108 7.22 13.84 13.33
N ILE A 109 7.56 13.43 12.12
CA ILE A 109 8.73 12.58 11.88
C ILE A 109 9.99 13.39 11.53
N SER A 110 11.16 12.77 11.76
CA SER A 110 12.44 13.38 11.41
C SER A 110 12.76 13.11 9.93
N TRP A 111 13.81 13.77 9.40
CA TRP A 111 14.29 13.54 8.03
C TRP A 111 14.75 12.07 7.91
N GLU A 112 15.46 11.55 8.93
CA GLU A 112 15.92 10.16 8.98
C GLU A 112 14.73 9.18 8.89
N ASP A 113 13.64 9.45 9.67
CA ASP A 113 12.40 8.65 9.67
C ASP A 113 11.79 8.65 8.26
N LEU A 114 11.73 9.84 7.62
CA LEU A 114 11.19 9.98 6.27
C LEU A 114 11.99 9.13 5.28
N ARG A 115 13.34 9.20 5.35
CA ARG A 115 14.22 8.42 4.49
C ARG A 115 13.98 6.91 4.67
N LYS A 116 13.87 6.42 5.93
CA LYS A 116 13.63 5.01 6.23
C LYS A 116 12.23 4.54 5.78
N LEU A 117 11.17 5.33 6.08
CA LEU A 117 9.81 4.99 5.71
C LEU A 117 9.62 5.04 4.19
N GLY A 118 10.11 6.10 3.53
CA GLY A 118 10.02 6.28 2.09
C GLY A 118 10.75 5.22 1.32
N SER A 119 12.02 4.95 1.70
CA SER A 119 12.82 3.93 1.01
C SER A 119 12.26 2.52 1.21
N SER A 120 11.80 2.16 2.44
CA SER A 120 11.22 0.83 2.69
C SER A 120 9.92 0.62 1.94
N LEU A 121 9.14 1.68 1.76
CA LEU A 121 7.89 1.61 1.01
C LEU A 121 8.19 1.31 -0.46
N ALA A 122 9.13 2.09 -1.06
CA ALA A 122 9.56 1.91 -2.47
C ALA A 122 10.19 0.54 -2.69
N ARG A 123 11.01 0.05 -1.71
CA ARG A 123 11.60 -1.30 -1.81
C ARG A 123 10.55 -2.40 -1.79
N GLY A 124 9.52 -2.27 -0.94
CA GLY A 124 8.43 -3.24 -0.82
C GLY A 124 7.65 -3.32 -2.10
N ILE A 125 7.29 -2.16 -2.67
CA ILE A 125 6.53 -2.08 -3.93
C ILE A 125 7.37 -2.58 -5.09
N ALA A 126 8.65 -2.16 -5.17
CA ALA A 126 9.56 -2.67 -6.20
C ALA A 126 9.65 -4.18 -6.14
N HIS A 127 9.75 -4.77 -4.93
CA HIS A 127 9.76 -6.22 -4.78
C HIS A 127 8.46 -6.84 -5.28
N LEU A 128 7.24 -6.30 -4.91
CA LEU A 128 5.99 -6.85 -5.43
C LEU A 128 5.99 -6.83 -6.96
N HIS A 129 6.38 -5.69 -7.55
CA HIS A 129 6.37 -5.50 -8.99
C HIS A 129 7.40 -6.32 -9.75
N SER A 130 8.50 -6.67 -9.10
CA SER A 130 9.62 -7.36 -9.74
C SER A 130 9.28 -8.73 -10.33
N ASP A 131 9.89 -9.06 -11.49
CA ASP A 131 9.74 -10.39 -12.09
C ASP A 131 10.86 -11.35 -11.58
N HIS A 132 11.66 -10.88 -10.61
CA HIS A 132 12.73 -11.66 -10.01
C HIS A 132 12.93 -11.36 -8.52
N THR A 133 13.43 -12.34 -7.77
CA THR A 133 13.78 -12.21 -6.36
C THR A 133 15.10 -11.42 -6.33
N PRO A 134 15.52 -10.85 -5.15
CA PRO A 134 16.83 -10.15 -5.11
C PRO A 134 18.01 -11.01 -5.59
N CYS A 135 17.92 -12.34 -5.43
CA CYS A 135 18.95 -13.31 -5.84
C CYS A 135 18.84 -13.74 -7.33
N GLY A 136 17.96 -13.10 -8.10
CA GLY A 136 17.79 -13.34 -9.52
C GLY A 136 16.82 -14.41 -10.00
N ARG A 137 16.24 -15.20 -9.09
CA ARG A 137 15.28 -16.25 -9.44
C ARG A 137 13.94 -15.66 -9.94
N PRO A 138 13.27 -16.24 -10.95
CA PRO A 138 12.01 -15.66 -11.44
C PRO A 138 10.92 -15.71 -10.40
N LYS A 139 10.02 -14.72 -10.43
CA LYS A 139 8.88 -14.67 -9.55
C LYS A 139 7.73 -13.95 -10.22
N MET A 140 6.55 -14.19 -9.71
CA MET A 140 5.31 -13.65 -10.20
C MET A 140 5.21 -12.17 -9.83
N PRO A 141 5.15 -11.18 -10.74
CA PRO A 141 4.85 -9.81 -10.25
C PRO A 141 3.43 -9.70 -9.67
N ILE A 142 3.26 -8.87 -8.65
CA ILE A 142 1.98 -8.64 -8.00
C ILE A 142 1.75 -7.16 -8.07
N VAL A 143 0.53 -6.74 -8.31
CA VAL A 143 0.15 -5.32 -8.22
C VAL A 143 -0.79 -5.24 -7.06
N HIS A 144 -0.55 -4.30 -6.14
CA HIS A 144 -1.33 -4.22 -4.91
C HIS A 144 -2.78 -3.80 -5.14
N ARG A 145 -2.97 -2.71 -5.89
CA ARG A 145 -4.25 -2.17 -6.31
C ARG A 145 -5.06 -1.47 -5.20
N ASP A 146 -4.55 -1.41 -3.96
CA ASP A 146 -5.19 -0.68 -2.88
C ASP A 146 -4.15 -0.10 -1.92
N LEU A 147 -3.08 0.47 -2.46
CA LEU A 147 -2.03 1.09 -1.65
C LEU A 147 -2.54 2.41 -1.09
N LYS A 148 -2.36 2.59 0.22
CA LYS A 148 -2.75 3.79 0.97
C LYS A 148 -2.11 3.75 2.36
N SER A 149 -1.99 4.89 3.05
CA SER A 149 -1.33 4.93 4.37
C SER A 149 -1.98 4.03 5.42
N SER A 150 -3.30 3.83 5.36
CA SER A 150 -4.01 2.96 6.30
C SER A 150 -3.75 1.46 6.05
N ASN A 151 -3.16 1.07 4.90
CA ASN A 151 -2.83 -0.31 4.51
C ASN A 151 -1.36 -0.64 4.74
N ILE A 152 -0.57 0.35 5.17
CA ILE A 152 0.87 0.18 5.35
C ILE A 152 1.13 0.13 6.83
N LEU A 153 1.84 -0.94 7.27
CA LEU A 153 2.20 -1.17 8.68
C LEU A 153 3.56 -0.57 8.98
N VAL A 154 3.70 0.01 10.18
CA VAL A 154 4.94 0.60 10.64
C VAL A 154 5.58 -0.44 11.55
N LYS A 155 6.78 -0.93 11.16
CA LYS A 155 7.53 -1.90 11.97
C LYS A 155 8.22 -1.13 13.12
N ASN A 156 8.66 -1.84 14.16
CA ASN A 156 9.30 -1.22 15.34
C ASN A 156 10.54 -0.39 14.99
N ASP A 157 11.28 -0.76 13.93
CA ASP A 157 12.47 -0.02 13.48
C ASP A 157 12.14 1.16 12.56
N LEU A 158 10.86 1.56 12.47
CA LEU A 158 10.40 2.70 11.66
C LEU A 158 10.60 2.53 10.14
N THR A 159 10.47 1.28 9.67
CA THR A 159 10.45 0.95 8.25
C THR A 159 9.02 0.48 7.96
N CYS A 160 8.62 0.50 6.68
CA CYS A 160 7.30 0.11 6.15
C CYS A 160 7.16 -1.37 5.90
N CYS A 161 5.93 -1.82 5.84
CA CYS A 161 5.60 -3.22 5.70
C CYS A 161 4.22 -3.34 4.99
N LEU A 162 4.16 -3.96 3.81
CA LEU A 162 2.91 -4.07 3.03
C LEU A 162 2.03 -5.21 3.47
N CYS A 163 0.71 -4.96 3.47
CA CYS A 163 -0.32 -5.96 3.81
C CYS A 163 -1.59 -5.70 2.99
N ASP A 164 -2.70 -6.41 3.28
CA ASP A 164 -4.01 -6.18 2.66
C ASP A 164 -4.00 -6.40 1.13
N PHE A 165 -3.75 -7.64 0.74
CA PHE A 165 -3.67 -8.06 -0.65
C PHE A 165 -5.00 -8.58 -1.23
N GLY A 166 -6.13 -8.28 -0.56
CA GLY A 166 -7.46 -8.70 -1.00
C GLY A 166 -7.87 -8.31 -2.41
N LEU A 167 -7.36 -7.17 -2.89
CA LEU A 167 -7.64 -6.65 -4.22
C LEU A 167 -6.45 -6.82 -5.15
N SER A 168 -5.38 -7.45 -4.65
CA SER A 168 -4.14 -7.62 -5.42
C SER A 168 -4.29 -8.54 -6.58
N LEU A 169 -3.48 -8.31 -7.59
CA LEU A 169 -3.53 -9.12 -8.78
C LEU A 169 -2.14 -9.71 -9.09
N ARG A 170 -2.07 -11.03 -9.25
CA ARG A 170 -0.86 -11.75 -9.65
C ARG A 170 -0.82 -11.58 -11.17
N LEU A 171 0.30 -11.05 -11.70
CA LEU A 171 0.41 -10.78 -13.14
C LEU A 171 0.78 -12.05 -13.89
N ASP A 172 -0.19 -12.94 -13.92
CA ASP A 172 -0.08 -14.27 -14.50
C ASP A 172 -0.19 -14.18 -16.01
N PRO A 173 0.74 -14.79 -16.80
CA PRO A 173 0.61 -14.79 -18.28
C PRO A 173 -0.72 -15.32 -18.84
N THR A 174 -1.45 -16.15 -18.05
CA THR A 174 -2.75 -16.70 -18.47
C THR A 174 -3.91 -15.68 -18.36
N LEU A 175 -3.68 -14.50 -17.73
CA LEU A 175 -4.69 -13.44 -17.57
C LEU A 175 -5.32 -12.98 -18.86
N SER A 176 -6.65 -13.08 -18.92
CA SER A 176 -7.41 -12.66 -20.08
C SER A 176 -7.72 -11.17 -20.01
N VAL A 177 -7.78 -10.54 -21.20
CA VAL A 177 -8.13 -9.14 -21.42
C VAL A 177 -9.57 -8.89 -20.97
N ASP A 178 -10.48 -9.86 -21.21
CA ASP A 178 -11.89 -9.81 -20.83
C ASP A 178 -12.09 -9.91 -19.31
N ASP A 179 -11.25 -10.72 -18.61
CA ASP A 179 -11.32 -10.89 -17.15
C ASP A 179 -10.94 -9.59 -16.39
N LEU A 180 -10.00 -8.83 -16.98
CA LEU A 180 -9.49 -7.58 -16.44
C LEU A 180 -10.49 -6.41 -16.57
N ALA A 181 -11.54 -6.58 -17.41
CA ALA A 181 -12.56 -5.57 -17.68
C ALA A 181 -13.50 -5.30 -16.51
N ASN A 182 -13.95 -6.38 -15.82
CA ASN A 182 -14.88 -6.26 -14.68
C ASN A 182 -14.75 -7.42 -13.65
N SER A 183 -13.84 -7.37 -12.63
CA SER A 183 -12.81 -6.39 -12.23
C SER A 183 -13.31 -4.91 -12.09
N GLY A 184 -13.23 -4.10 -13.17
CA GLY A 184 -13.65 -2.70 -13.17
C GLY A 184 -12.72 -1.81 -12.36
N GLN A 185 -13.22 -0.66 -11.80
CA GLN A 185 -12.39 0.23 -10.95
C GLN A 185 -12.29 -0.39 -9.57
N VAL A 186 -11.09 -0.85 -9.19
CA VAL A 186 -10.89 -1.48 -7.88
C VAL A 186 -9.97 -0.60 -7.05
N GLY A 187 -10.31 -0.49 -5.77
CA GLY A 187 -9.51 0.23 -4.79
C GLY A 187 -10.27 1.30 -4.03
N THR A 188 -9.49 2.24 -3.46
CA THR A 188 -9.98 3.38 -2.69
C THR A 188 -9.90 4.59 -3.62
N ALA A 189 -11.07 5.24 -3.85
CA ALA A 189 -11.19 6.39 -4.76
C ALA A 189 -10.17 7.49 -4.54
N ARG A 190 -9.90 7.84 -3.26
CA ARG A 190 -8.96 8.91 -2.93
C ARG A 190 -7.55 8.67 -3.51
N TYR A 191 -7.13 7.41 -3.60
CA TYR A 191 -5.79 7.04 -4.05
C TYR A 191 -5.69 6.54 -5.49
N MET A 192 -6.84 6.50 -6.20
CA MET A 192 -6.89 6.05 -7.59
C MET A 192 -6.20 7.00 -8.55
N ALA A 193 -5.33 6.45 -9.41
CA ALA A 193 -4.62 7.17 -10.46
C ALA A 193 -5.61 7.86 -11.44
N PRO A 194 -5.22 8.98 -12.09
CA PRO A 194 -6.15 9.65 -13.03
C PRO A 194 -6.66 8.72 -14.14
N GLU A 195 -5.81 7.80 -14.65
CA GLU A 195 -6.23 6.86 -15.70
C GLU A 195 -7.23 5.81 -15.19
N VAL A 196 -7.22 5.53 -13.87
CA VAL A 196 -8.19 4.60 -13.28
C VAL A 196 -9.54 5.34 -13.15
N LEU A 197 -9.51 6.57 -12.64
CA LEU A 197 -10.67 7.45 -12.49
C LEU A 197 -11.30 7.75 -13.85
N ALA A 198 -10.47 7.86 -14.89
CA ALA A 198 -10.91 8.14 -16.25
C ALA A 198 -11.45 6.90 -16.98
N SER A 199 -11.19 5.67 -16.45
CA SER A 199 -11.48 4.37 -17.11
C SER A 199 -10.73 4.36 -18.45
N ALA A 200 -9.44 4.75 -18.41
CA ALA A 200 -8.59 4.92 -19.58
C ALA A 200 -7.39 3.99 -19.65
N MET A 201 -7.45 2.86 -18.94
CA MET A 201 -6.33 1.92 -18.90
C MET A 201 -6.18 1.04 -20.11
N ASN A 202 -4.90 0.78 -20.46
CA ASN A 202 -4.43 -0.07 -21.54
C ASN A 202 -4.40 -1.52 -21.05
N LEU A 203 -5.61 -2.08 -20.85
CA LEU A 203 -5.87 -3.46 -20.41
C LEU A 203 -5.12 -4.52 -21.27
N GLU A 204 -4.62 -4.08 -22.45
CA GLU A 204 -3.85 -4.85 -23.43
C GLU A 204 -2.45 -5.14 -22.92
N ASN A 205 -1.91 -4.26 -22.07
CA ASN A 205 -0.59 -4.44 -21.47
C ASN A 205 -0.67 -4.31 -19.96
N VAL A 206 -0.06 -5.29 -19.22
CA VAL A 206 0.11 -5.26 -17.77
C VAL A 206 1.21 -4.18 -17.60
N GLU A 207 1.83 -3.99 -16.43
CA GLU A 207 2.83 -2.90 -16.26
C GLU A 207 2.14 -1.51 -16.21
N SER A 208 0.97 -1.41 -16.89
CA SER A 208 0.06 -0.29 -16.78
C SER A 208 -0.52 -0.37 -15.33
N PHE A 209 -0.76 -1.58 -14.79
CA PHE A 209 -1.20 -1.78 -13.41
C PHE A 209 -0.11 -1.35 -12.40
N LYS A 210 1.19 -1.62 -12.70
CA LYS A 210 2.32 -1.20 -11.87
C LYS A 210 2.34 0.33 -11.75
N GLN A 211 2.02 1.04 -12.84
CA GLN A 211 1.98 2.51 -12.85
C GLN A 211 0.91 3.12 -11.93
N THR A 212 -0.24 2.43 -11.78
CA THR A 212 -1.31 2.88 -10.87
C THR A 212 -0.83 2.77 -9.40
N ASP A 213 -0.07 1.70 -9.08
CA ASP A 213 0.46 1.49 -7.74
C ASP A 213 1.48 2.62 -7.43
N VAL A 214 2.30 3.02 -8.43
CA VAL A 214 3.30 4.08 -8.27
C VAL A 214 2.63 5.41 -7.96
N TYR A 215 1.53 5.72 -8.65
CA TYR A 215 0.73 6.92 -8.36
C TYR A 215 0.28 6.94 -6.87
N SER A 216 -0.33 5.83 -6.37
CA SER A 216 -0.79 5.72 -4.98
C SER A 216 0.37 5.87 -4.02
N MET A 217 1.52 5.26 -4.34
CA MET A 217 2.75 5.40 -3.57
C MET A 217 3.17 6.88 -3.47
N ALA A 218 3.09 7.65 -4.57
CA ALA A 218 3.41 9.09 -4.59
C ALA A 218 2.60 9.87 -3.57
N LEU A 219 1.27 9.56 -3.45
CA LEU A 219 0.40 10.23 -2.49
C LEU A 219 0.84 9.89 -1.06
N VAL A 220 1.22 8.62 -0.83
CA VAL A 220 1.69 8.16 0.48
C VAL A 220 3.01 8.88 0.83
N LEU A 221 3.95 8.99 -0.14
CA LEU A 221 5.21 9.72 0.06
C LEU A 221 4.94 11.17 0.40
N TRP A 222 3.93 11.79 -0.25
CA TRP A 222 3.51 13.16 0.08
C TRP A 222 3.05 13.21 1.55
N GLU A 223 2.20 12.24 1.99
CA GLU A 223 1.70 12.21 3.38
C GLU A 223 2.87 12.17 4.37
N MET A 224 3.89 11.30 4.12
CA MET A 224 5.08 11.19 4.96
C MET A 224 5.82 12.55 4.99
N THR A 225 6.04 13.16 3.80
CA THR A 225 6.75 14.44 3.63
C THR A 225 6.06 15.57 4.40
N SER A 226 4.71 15.60 4.33
CA SER A 226 3.88 16.63 4.96
C SER A 226 4.00 16.65 6.49
N ARG A 227 4.50 15.58 7.07
CA ARG A 227 4.64 15.44 8.52
C ARG A 227 6.10 15.34 8.96
N CYS A 228 7.03 15.74 8.08
CA CYS A 228 8.46 15.72 8.35
C CYS A 228 8.94 17.10 8.80
N ASN A 229 9.54 17.19 10.01
CA ASN A 229 10.02 18.46 10.60
C ASN A 229 11.10 19.17 9.74
N ALA A 230 11.73 18.45 8.79
CA ALA A 230 12.72 19.03 7.88
C ALA A 230 12.08 20.04 6.90
N VAL A 231 10.73 20.06 6.77
CA VAL A 231 10.03 21.01 5.90
C VAL A 231 10.00 22.41 6.55
N GLY A 232 10.21 22.44 7.88
CA GLY A 232 10.14 23.64 8.70
C GLY A 232 8.88 23.54 9.55
N GLU A 233 7.90 24.43 9.31
CA GLU A 233 6.62 24.39 10.03
C GLU A 233 5.76 23.26 9.46
N VAL A 234 5.32 22.34 10.34
CA VAL A 234 4.49 21.19 10.01
C VAL A 234 3.03 21.45 10.39
N LYS A 235 2.09 21.16 9.48
CA LYS A 235 0.66 21.30 9.74
C LYS A 235 0.12 20.00 10.32
N ASP A 236 -1.11 20.04 10.86
CA ASP A 236 -1.78 18.85 11.36
C ASP A 236 -1.97 17.89 10.18
N TYR A 237 -1.89 16.58 10.45
CA TYR A 237 -2.06 15.59 9.38
C TYR A 237 -3.43 15.70 8.72
N GLU A 238 -3.45 15.62 7.39
CA GLU A 238 -4.66 15.55 6.57
C GLU A 238 -4.41 14.53 5.47
N PRO A 239 -5.37 13.64 5.14
CA PRO A 239 -5.13 12.68 4.04
C PRO A 239 -5.01 13.43 2.70
N PRO A 240 -4.47 12.81 1.62
CA PRO A 240 -4.42 13.52 0.32
C PRO A 240 -5.81 14.02 -0.09
N PHE A 241 -5.92 15.30 -0.56
CA PHE A 241 -7.17 15.95 -1.00
C PHE A 241 -8.20 16.21 0.12
N GLY A 242 -7.77 16.08 1.39
CA GLY A 242 -8.62 16.23 2.56
C GLY A 242 -9.45 17.50 2.61
N SER A 243 -8.87 18.61 2.11
CA SER A 243 -9.48 19.93 2.08
C SER A 243 -10.40 20.19 0.85
N LYS A 244 -10.46 19.23 -0.10
CA LYS A 244 -11.24 19.36 -1.33
C LYS A 244 -12.40 18.40 -1.46
N VAL A 245 -12.27 17.19 -0.92
CA VAL A 245 -13.29 16.13 -1.06
C VAL A 245 -13.88 15.71 0.29
N ARG A 246 -15.03 15.01 0.26
CA ARG A 246 -15.69 14.50 1.46
C ARG A 246 -14.92 13.31 2.07
N GLU A 247 -15.29 12.87 3.30
CA GLU A 247 -14.63 11.79 4.04
C GLU A 247 -14.44 10.49 3.24
N HIS A 248 -15.52 10.00 2.58
CA HIS A 248 -15.46 8.80 1.75
C HIS A 248 -15.81 9.23 0.31
N PRO A 249 -14.82 9.82 -0.43
CA PRO A 249 -15.15 10.35 -1.76
C PRO A 249 -15.46 9.29 -2.80
N CYS A 250 -16.31 9.65 -3.76
CA CYS A 250 -16.68 8.79 -4.86
C CYS A 250 -15.68 9.01 -5.99
N VAL A 251 -15.72 8.12 -6.98
CA VAL A 251 -14.86 8.19 -8.16
C VAL A 251 -15.13 9.50 -8.94
N ALA A 252 -16.41 9.92 -9.07
CA ALA A 252 -16.78 11.17 -9.76
C ALA A 252 -16.13 12.41 -9.14
N SER A 253 -16.21 12.54 -7.79
CA SER A 253 -15.62 13.68 -7.10
C SER A 253 -14.10 13.68 -7.20
N MET A 254 -13.48 12.48 -7.14
CA MET A 254 -12.03 12.36 -7.33
C MET A 254 -11.62 12.72 -8.75
N ALA A 255 -12.39 12.25 -9.77
CA ALA A 255 -12.10 12.53 -11.18
C ALA A 255 -12.14 14.04 -11.42
N ASP A 256 -13.12 14.76 -10.83
CA ASP A 256 -13.22 16.22 -10.96
C ASP A 256 -11.95 16.92 -10.44
N ASN A 257 -11.34 16.40 -9.37
CA ASN A 257 -10.13 16.99 -8.82
C ASN A 257 -8.86 16.56 -9.55
N VAL A 258 -8.58 15.25 -9.56
CA VAL A 258 -7.35 14.66 -10.09
C VAL A 258 -7.23 14.78 -11.60
N LEU A 259 -8.32 14.57 -12.31
CA LEU A 259 -8.31 14.57 -13.76
C LEU A 259 -8.70 15.95 -14.33
N ALA A 260 -9.95 16.42 -14.14
CA ALA A 260 -10.43 17.70 -14.64
C ALA A 260 -9.64 18.93 -14.18
N ASP A 261 -9.36 19.04 -12.87
CA ASP A 261 -8.60 20.17 -12.32
C ASP A 261 -7.09 19.91 -12.24
N ALA A 262 -6.60 18.70 -12.65
CA ALA A 262 -5.19 18.26 -12.56
C ALA A 262 -4.65 18.50 -11.12
N GLY A 263 -5.53 18.33 -10.14
CA GLY A 263 -5.25 18.58 -8.74
C GLY A 263 -4.39 17.52 -8.10
N ARG A 264 -3.46 17.96 -7.26
CA ARG A 264 -2.55 17.09 -6.50
C ARG A 264 -2.38 17.70 -5.11
N PRO A 265 -2.01 16.94 -4.07
CA PRO A 265 -1.76 17.57 -2.77
C PRO A 265 -0.72 18.69 -2.87
N GLU A 266 -0.94 19.79 -2.13
CA GLU A 266 -0.06 20.97 -2.13
C GLU A 266 1.32 20.72 -1.56
N ILE A 267 2.33 21.23 -2.30
CA ILE A 267 3.73 21.25 -1.93
C ILE A 267 4.13 22.75 -1.79
N PRO A 268 4.03 23.36 -0.57
CA PRO A 268 4.45 24.76 -0.41
C PRO A 268 5.91 24.93 -0.79
N SER A 269 6.25 26.06 -1.45
CA SER A 269 7.63 26.34 -1.90
C SER A 269 8.66 26.30 -0.78
N PHE A 270 8.28 26.64 0.46
CA PHE A 270 9.20 26.63 1.61
C PHE A 270 9.73 25.24 1.96
N TRP A 271 8.99 24.16 1.59
CA TRP A 271 9.41 22.77 1.82
C TRP A 271 10.70 22.49 1.07
N LEU A 272 10.87 23.08 -0.13
CA LEU A 272 12.01 22.87 -1.03
C LEU A 272 13.35 23.51 -0.56
N ASN A 273 13.35 24.25 0.58
CA ASN A 273 14.57 24.85 1.14
C ASN A 273 15.55 23.77 1.60
N HIS A 274 15.02 22.65 2.16
CA HIS A 274 15.80 21.49 2.58
C HIS A 274 16.08 20.65 1.33
N GLN A 275 17.37 20.39 1.05
CA GLN A 275 17.83 19.62 -0.13
C GLN A 275 17.19 18.23 -0.26
N GLY A 276 17.10 17.51 0.87
CA GLY A 276 16.50 16.18 0.94
C GLY A 276 15.03 16.22 0.58
N ILE A 277 14.27 17.13 1.23
CA ILE A 277 12.84 17.35 0.99
C ILE A 277 12.61 17.69 -0.50
N GLN A 278 13.48 18.55 -1.07
CA GLN A 278 13.41 18.95 -2.48
C GLN A 278 13.51 17.74 -3.42
N MET A 279 14.47 16.82 -3.13
CA MET A 279 14.70 15.59 -3.89
C MET A 279 13.47 14.66 -3.80
N VAL A 280 12.91 14.50 -2.58
CA VAL A 280 11.72 13.67 -2.32
C VAL A 280 10.53 14.23 -3.10
N CYS A 281 10.33 15.57 -3.03
CA CYS A 281 9.25 16.25 -3.72
C CYS A 281 9.33 16.14 -5.23
N GLU A 282 10.53 16.30 -5.81
CA GLU A 282 10.73 16.17 -7.25
C GLU A 282 10.38 14.75 -7.72
N THR A 283 10.80 13.74 -6.90
CA THR A 283 10.55 12.32 -7.16
C THR A 283 9.07 11.98 -7.10
N LEU A 284 8.39 12.33 -6.00
CA LEU A 284 6.97 12.01 -5.85
C LEU A 284 6.12 12.73 -6.92
N THR A 285 6.52 13.96 -7.35
CA THR A 285 5.84 14.74 -8.40
C THR A 285 5.90 14.03 -9.76
N GLU A 286 7.04 13.43 -10.08
CA GLU A 286 7.18 12.62 -11.29
C GLU A 286 6.26 11.39 -11.18
N CYS A 287 6.16 10.80 -9.97
CA CYS A 287 5.37 9.60 -9.72
C CYS A 287 3.87 9.81 -9.75
N TRP A 288 3.38 11.06 -9.63
CA TRP A 288 1.95 11.29 -9.73
C TRP A 288 1.58 12.02 -11.03
N ASP A 289 2.47 11.96 -12.04
CA ASP A 289 2.21 12.56 -13.35
C ASP A 289 0.93 12.00 -13.96
N HIS A 290 0.18 12.87 -14.67
CA HIS A 290 -1.04 12.47 -15.38
C HIS A 290 -0.74 11.29 -16.31
N ASP A 291 0.39 11.32 -16.99
CA ASP A 291 0.79 10.29 -17.95
C ASP A 291 1.45 9.12 -17.23
N PRO A 292 0.84 7.91 -17.22
CA PRO A 292 1.48 6.78 -16.51
C PRO A 292 2.90 6.45 -16.98
N GLU A 293 3.18 6.67 -18.27
CA GLU A 293 4.51 6.41 -18.86
C GLU A 293 5.60 7.37 -18.37
N ALA A 294 5.21 8.58 -17.88
CA ALA A 294 6.13 9.58 -17.34
C ALA A 294 6.51 9.29 -15.88
N ARG A 295 5.80 8.36 -15.24
CA ARG A 295 6.08 8.01 -13.83
C ARG A 295 7.33 7.17 -13.74
N LEU A 296 8.06 7.33 -12.63
CA LEU A 296 9.23 6.53 -12.32
C LEU A 296 8.73 5.14 -11.90
N THR A 297 9.60 4.14 -11.94
CA THR A 297 9.22 2.82 -11.46
C THR A 297 9.48 2.86 -9.95
N ALA A 298 8.90 1.90 -9.19
CA ALA A 298 9.17 1.81 -7.76
C ALA A 298 10.68 1.58 -7.53
N GLN A 299 11.34 0.78 -8.40
CA GLN A 299 12.78 0.50 -8.37
C GLN A 299 13.58 1.80 -8.50
N CYS A 300 13.17 2.70 -9.42
CA CYS A 300 13.80 4.02 -9.60
C CYS A 300 13.71 4.84 -8.31
N VAL A 301 12.52 4.84 -7.65
CA VAL A 301 12.30 5.58 -6.40
C VAL A 301 13.17 4.99 -5.29
N ALA A 302 13.25 3.65 -5.19
CA ALA A 302 14.09 2.96 -4.21
C ALA A 302 15.54 3.39 -4.40
N GLU A 303 16.00 3.50 -5.66
CA GLU A 303 17.36 3.95 -6.00
C GLU A 303 17.61 5.41 -5.60
N ARG A 304 16.61 6.31 -5.81
CA ARG A 304 16.72 7.73 -5.45
C ARG A 304 16.83 7.89 -3.94
N PHE A 305 16.10 7.09 -3.16
CA PHE A 305 16.17 7.12 -1.70
C PHE A 305 17.54 6.63 -1.19
N SER A 306 18.17 5.65 -1.89
CA SER A 306 19.50 5.14 -1.51
C SER A 306 20.59 6.19 -1.83
N GLU A 307 20.33 7.08 -2.81
CA GLU A 307 21.21 8.18 -3.17
C GLU A 307 21.16 9.26 -2.09
N LEU A 308 20.03 9.33 -1.34
CA LEU A 308 19.84 10.27 -0.23
C LEU A 308 20.75 9.94 0.95
N GLU A 309 21.34 8.72 0.96
CA GLU A 309 22.31 8.33 2.00
C GLU A 309 23.61 9.14 1.75
N HIS A 310 23.68 10.34 2.39
CA HIS A 310 24.76 11.33 2.29
C HIS A 310 25.03 11.79 0.86
C13 5L4 B . -3.91 -1.83 14.39
C18 5L4 B . -4.31 -5.16 8.54
C17 5L4 B . -3.78 -0.19 16.28
C16 5L4 B . -1.53 -3.01 15.12
C15 5L4 B . -2.02 -1.94 15.83
C19 5L4 B . -4.41 -6.14 7.52
C21 5L4 B . -5.94 -4.86 6.37
C22 5L4 B . -5.88 -3.82 7.28
C23 5L4 B . -5.04 -3.98 8.38
C24 5L4 B . -4.76 -0.65 17.33
C11 5L4 B . -2.21 -3.53 14.00
C12 5L4 B . -3.43 -2.93 13.67
C27 5L4 B . -3.56 -2.20 9.15
C1 5L4 B . -0.56 -5.42 13.61
C2 5L4 B . -1.66 -4.64 13.19
N3 5L4 B . -2.26 -4.92 12.01
C4 5L4 B . -1.78 -5.92 11.25
C5 5L4 B . -0.66 -6.70 11.69
N6 5L4 B . -0.10 -6.43 12.89
N7 5L4 B . -0.08 -7.64 10.93
C8 5L4 B . -2.46 -6.15 9.93
O9 5L4 B . -2.11 -7.06 9.17
N10 5L4 B . -3.47 -5.29 9.66
C14 5L4 B . -3.22 -1.32 15.47
N20 5L4 B . -5.21 -5.99 6.45
O25 5L4 B . -5.09 0.38 18.20
N26 5L4 B . -4.81 -2.93 9.31
C28 5L4 B . -3.20 -1.57 10.45
O29 5L4 B . -4.25 -0.66 10.92
C30 5L4 B . -5.57 -1.26 10.95
C31 5L4 B . -5.93 -2.07 9.70
H37 5L4 B . -4.84 -1.36 14.07
H41 5L4 B . -2.94 0.35 16.75
H40 5L4 B . -4.25 0.55 15.64
H39 5L4 B . -0.63 -3.49 15.50
H38 5L4 B . -1.47 -1.56 16.69
H42 5L4 B . -3.88 -7.09 7.50
H43 5L4 B . -6.68 -4.84 5.57
H44 5L4 B . -6.47 -2.93 7.12
H45 5L4 B . -4.37 -1.52 17.85
H46 5L4 B . -5.68 -0.98 16.87
H36 5L4 B . -4.08 -3.36 12.91
H49 5L4 B . -3.69 -1.42 8.39
H48 5L4 B . -2.74 -2.81 8.78
H32 5L4 B . -0.02 -5.26 14.54
H34 5L4 B . 0.73 -8.16 11.28
H33 5L4 B . -0.41 -7.85 9.99
H35 5L4 B . -3.71 -4.67 10.44
H47 5L4 B . -5.86 0.87 17.80
H50 5L4 B . -3.12 -2.33 11.22
H51 5L4 B . -2.23 -1.06 10.42
H53 5L4 B . -6.33 -0.50 11.15
H52 5L4 B . -5.54 -1.90 11.83
H55 5L4 B . -6.80 -2.70 9.90
H54 5L4 B . -6.24 -1.39 8.91
#